data_8X35
#
_entry.id   8X35
#
_cell.length_a   98.310
_cell.length_b   49.230
_cell.length_c   121.390
_cell.angle_alpha   90.000
_cell.angle_beta   91.067
_cell.angle_gamma   90.000
#
_symmetry.space_group_name_H-M   'C 1 2 1'
#
loop_
_entity.id
_entity.type
_entity.pdbx_description
1 polymer 'Neryl diphosphate synthase 1'
2 non-polymer 'MAGNESIUM ION'
3 non-polymer '3-METHYLBUT-3-ENYL TRIHYDROGEN DIPHOSPHATE'
4 non-polymer 'DIMETHYLALLYL S-THIOLODIPHOSPHATE'
5 non-polymer DI(HYDROXYETHYL)ETHER
6 non-polymer 1,2-ETHANEDIOL
7 non-polymer DIPHOSPHATE
8 water water
#
_entity_poly.entity_id   1
_entity_poly.type   'polypeptide(L)'
_entity_poly.pdbx_seq_one_letter_code
;GTMSSLVLQCWKLSSPSLILQQNTSISMGAFKGIHKLQIPNSPLTVSARGLNKISCSLNLQTEKLCYEDNDNDLDEELMP
KHIALIMDGNRRWAKDKGLEVYEGHKHIIPKLKEICDISSKLGIQIITAFAFSTENWKRSKEEVDFLLQMFEEIYDEFSR
SGVRVSIIGCKSDLPMTLQKCIALTEETTKGNKGLHLVIALNYGGYYDILQATKSIVNKAMNGLLDVEDINKNLFDQELE
SKCPNPDLLIRTGGEQRVSNFLLWQLAYTEFYFTNTLFPDFGEEDLKEAIMNFQQRHRRFGGHTY
;
_entity_poly.pdbx_strand_id   A,B
#
# COMPACT_ATOMS: atom_id res chain seq x y z
N SER A 55 -15.76 9.89 -17.13
CA SER A 55 -15.13 9.46 -18.37
C SER A 55 -13.70 9.00 -18.15
N CYS A 56 -13.53 7.70 -17.92
CA CYS A 56 -12.24 7.09 -17.72
C CYS A 56 -11.78 6.39 -19.01
N SER A 57 -10.52 6.00 -19.01
CA SER A 57 -9.96 5.16 -20.07
C SER A 57 -8.63 4.56 -19.61
N LEU A 58 -8.56 3.24 -19.49
CA LEU A 58 -7.39 2.56 -18.95
C LEU A 58 -6.60 1.77 -19.98
N ASN A 59 -7.14 1.56 -21.18
CA ASN A 59 -6.48 0.73 -22.20
C ASN A 59 -5.90 1.61 -23.31
N CYS A 66 7.07 4.94 -13.73
CA CYS A 66 7.56 6.24 -13.29
C CYS A 66 8.07 7.04 -14.48
N LEU A 78 20.16 -4.50 -11.16
CA LEU A 78 20.31 -5.66 -10.30
C LEU A 78 20.45 -5.23 -8.84
N MET A 79 20.94 -4.01 -8.63
CA MET A 79 21.08 -3.42 -7.30
C MET A 79 19.99 -2.37 -7.12
N PRO A 80 19.17 -2.45 -6.08
CA PRO A 80 18.03 -1.51 -5.96
C PRO A 80 18.48 -0.06 -5.84
N LYS A 81 17.89 0.79 -6.68
CA LYS A 81 18.27 2.20 -6.73
C LYS A 81 17.76 2.99 -5.51
N HIS A 82 16.55 2.68 -5.06
CA HIS A 82 15.87 3.38 -3.96
C HIS A 82 15.32 2.33 -3.02
N ILE A 83 15.69 2.40 -1.75
CA ILE A 83 15.23 1.47 -0.72
C ILE A 83 14.35 2.25 0.26
N ALA A 84 13.16 1.71 0.54
CA ALA A 84 12.30 2.26 1.59
C ALA A 84 12.50 1.41 2.84
N LEU A 85 12.59 2.05 4.01
CA LEU A 85 12.97 1.40 5.25
C LEU A 85 11.97 1.73 6.35
N ILE A 86 11.31 0.73 6.91
CA ILE A 86 10.47 0.89 8.10
C ILE A 86 11.25 0.38 9.31
N MET A 87 11.61 1.30 10.22
CA MET A 87 12.62 1.05 11.27
C MET A 87 11.93 0.63 12.57
N ASP A 88 11.42 -0.60 12.60
CA ASP A 88 10.48 -1.06 13.61
C ASP A 88 11.14 -2.04 14.58
N GLY A 89 10.59 -2.10 15.79
CA GLY A 89 11.02 -3.08 16.77
C GLY A 89 11.94 -2.58 17.88
N ASN A 90 12.01 -1.28 18.11
CA ASN A 90 13.03 -0.77 19.04
C ASN A 90 12.64 -0.99 20.50
N ARG A 91 11.36 -0.87 20.84
CA ARG A 91 10.93 -1.14 22.21
C ARG A 91 11.14 -2.59 22.61
N ARG A 92 10.69 -3.52 21.76
CA ARG A 92 10.87 -4.93 22.08
C ARG A 92 12.34 -5.26 22.26
N TRP A 93 13.22 -4.66 21.45
CA TRP A 93 14.65 -4.88 21.60
C TRP A 93 15.12 -4.50 22.99
N ALA A 94 14.66 -3.35 23.50
CA ALA A 94 15.11 -2.88 24.80
C ALA A 94 14.51 -3.72 25.92
N LYS A 95 13.20 -3.98 25.86
CA LYS A 95 12.52 -4.72 26.92
C LYS A 95 13.11 -6.12 27.08
N ASP A 96 13.55 -6.72 25.98
CA ASP A 96 14.14 -8.05 26.00
C ASP A 96 15.52 -8.04 26.64
N LYS A 97 16.20 -6.90 26.64
CA LYS A 97 17.51 -6.74 27.24
C LYS A 97 17.44 -6.19 28.65
N GLY A 98 16.25 -6.15 29.25
CA GLY A 98 16.10 -5.56 30.57
C GLY A 98 16.35 -4.07 30.63
N LEU A 99 16.32 -3.38 29.49
CA LEU A 99 16.57 -1.94 29.42
C LEU A 99 15.25 -1.16 29.38
N GLU A 100 15.33 0.08 29.83
CA GLU A 100 14.24 1.02 29.64
C GLU A 100 13.93 1.15 28.15
N VAL A 101 12.65 1.38 27.83
CA VAL A 101 12.26 1.46 26.42
C VAL A 101 13.09 2.49 25.68
N TYR A 102 13.38 3.62 26.32
CA TYR A 102 14.04 4.73 25.64
C TYR A 102 15.43 4.34 25.18
N GLU A 103 16.07 3.37 25.85
CA GLU A 103 17.36 2.88 25.37
C GLU A 103 17.27 2.36 23.94
N GLY A 104 16.16 1.73 23.58
CA GLY A 104 16.03 1.25 22.21
C GLY A 104 15.96 2.40 21.22
N HIS A 105 15.15 3.41 21.51
CA HIS A 105 14.97 4.53 20.60
C HIS A 105 16.28 5.27 20.37
N LYS A 106 17.17 5.29 21.35
CA LYS A 106 18.45 5.98 21.18
C LYS A 106 19.32 5.32 20.11
N HIS A 107 19.02 4.08 19.71
CA HIS A 107 19.79 3.47 18.63
C HIS A 107 19.33 3.87 17.23
N ILE A 108 18.21 4.60 17.10
CA ILE A 108 17.62 4.81 15.77
C ILE A 108 18.53 5.64 14.87
N ILE A 109 18.96 6.81 15.33
CA ILE A 109 19.69 7.69 14.42
C ILE A 109 21.06 7.10 14.11
N PRO A 110 21.84 6.62 15.10
CA PRO A 110 23.14 5.99 14.77
C PRO A 110 23.07 4.79 13.85
N LYS A 111 22.07 3.91 14.03
CA LYS A 111 21.95 2.78 13.10
C LYS A 111 21.66 3.26 11.69
N LEU A 112 20.78 4.26 11.56
CA LEU A 112 20.43 4.78 10.25
C LEU A 112 21.66 5.39 9.55
N LYS A 113 22.46 6.15 10.29
CA LYS A 113 23.72 6.64 9.75
C LYS A 113 24.60 5.47 9.28
N GLU A 114 24.71 4.43 10.11
CA GLU A 114 25.47 3.25 9.72
C GLU A 114 24.93 2.59 8.45
N ILE A 115 23.62 2.50 8.32
CA ILE A 115 23.04 1.90 7.11
C ILE A 115 23.31 2.76 5.88
N CYS A 116 23.26 4.09 6.02
CA CYS A 116 23.61 4.95 4.90
C CYS A 116 25.04 4.74 4.42
N ASP A 117 25.99 4.59 5.34
CA ASP A 117 27.38 4.34 4.93
C ASP A 117 27.51 3.00 4.21
N ILE A 118 26.89 1.94 4.75
CA ILE A 118 26.92 0.66 4.05
C ILE A 118 26.31 0.78 2.67
N SER A 119 25.14 1.43 2.57
CA SER A 119 24.42 1.50 1.30
C SER A 119 25.16 2.38 0.30
N SER A 120 25.76 3.46 0.77
CA SER A 120 26.55 4.30 -0.13
C SER A 120 27.63 3.48 -0.83
N LYS A 121 28.28 2.57 -0.11
CA LYS A 121 29.32 1.76 -0.72
C LYS A 121 28.78 0.68 -1.65
N LEU A 122 27.52 0.24 -1.48
CA LEU A 122 26.93 -0.73 -2.40
C LEU A 122 26.44 -0.11 -3.71
N GLY A 123 26.34 1.22 -3.79
CA GLY A 123 25.83 1.89 -4.98
C GLY A 123 24.36 2.31 -4.91
N ILE A 124 23.69 2.07 -3.79
CA ILE A 124 22.33 2.57 -3.56
C ILE A 124 22.35 4.08 -3.58
N GLN A 125 21.28 4.70 -4.11
CA GLN A 125 21.28 6.15 -4.27
C GLN A 125 20.31 6.89 -3.37
N ILE A 126 19.19 6.28 -2.98
CA ILE A 126 18.20 6.92 -2.16
C ILE A 126 17.76 5.95 -1.08
N ILE A 127 17.59 6.46 0.14
CA ILE A 127 16.92 5.75 1.24
C ILE A 127 15.83 6.67 1.77
N THR A 128 14.58 6.17 1.81
CA THR A 128 13.49 6.85 2.52
C THR A 128 13.15 6.03 3.76
N ALA A 129 13.34 6.64 4.96
CA ALA A 129 13.25 5.91 6.23
C ALA A 129 12.12 6.48 7.08
N PHE A 130 11.28 5.59 7.61
CA PHE A 130 10.09 5.96 8.39
C PHE A 130 10.52 6.14 9.84
N ALA A 131 10.56 7.39 10.33
CA ALA A 131 10.98 7.66 11.70
C ALA A 131 9.84 7.96 12.66
N PHE A 132 8.74 8.56 12.20
CA PHE A 132 7.61 8.92 13.05
C PHE A 132 6.37 9.06 12.18
N SER A 133 5.36 8.22 12.43
CA SER A 133 4.15 8.26 11.62
C SER A 133 3.10 9.19 12.24
N THR A 134 2.10 9.54 11.43
CA THR A 134 1.00 10.38 11.92
C THR A 134 0.14 9.67 12.96
N GLU A 135 0.24 8.35 13.08
CA GLU A 135 -0.50 7.64 14.12
C GLU A 135 0.29 7.49 15.42
N ASN A 136 1.61 7.74 15.39
CA ASN A 136 2.42 7.59 16.60
C ASN A 136 2.13 8.65 17.66
N TRP A 137 1.35 9.67 17.33
CA TRP A 137 0.90 10.64 18.32
C TRP A 137 0.00 10.00 19.37
N LYS A 138 -0.51 8.78 19.14
CA LYS A 138 -1.35 8.09 20.11
C LYS A 138 -0.56 7.55 21.30
N ARG A 139 0.77 7.49 21.24
CA ARG A 139 1.54 6.96 22.34
C ARG A 139 1.53 7.94 23.51
N SER A 140 2.12 7.52 24.63
CA SER A 140 2.13 8.34 25.84
C SER A 140 2.80 9.69 25.60
N LYS A 141 2.43 10.68 26.43
CA LYS A 141 3.08 11.98 26.35
C LYS A 141 4.58 11.86 26.62
N GLU A 142 4.96 11.06 27.61
CA GLU A 142 6.37 10.87 27.92
C GLU A 142 7.13 10.36 26.69
N GLU A 143 6.62 9.30 26.06
CA GLU A 143 7.35 8.69 24.94
C GLU A 143 7.40 9.64 23.75
N VAL A 144 6.29 10.31 23.45
CA VAL A 144 6.27 11.25 22.33
C VAL A 144 7.22 12.42 22.58
N ASP A 145 7.25 12.95 23.81
CA ASP A 145 8.16 14.05 24.13
C ASP A 145 9.62 13.62 24.01
N PHE A 146 9.95 12.42 24.49
CA PHE A 146 11.32 11.94 24.39
C PHE A 146 11.77 11.85 22.93
N LEU A 147 10.92 11.24 22.09
CA LEU A 147 11.25 11.00 20.70
C LEU A 147 11.45 12.31 19.94
N LEU A 148 10.54 13.27 20.15
CA LEU A 148 10.64 14.51 19.39
C LEU A 148 11.85 15.34 19.83
N GLN A 149 12.21 15.27 21.11
CA GLN A 149 13.46 15.86 21.57
C GLN A 149 14.65 15.12 20.98
N MET A 150 14.60 13.79 20.98
CA MET A 150 15.72 12.99 20.48
C MET A 150 16.02 13.25 19.00
N PHE A 151 15.01 13.54 18.19
CA PHE A 151 15.27 13.72 16.76
C PHE A 151 16.11 14.96 16.45
N GLU A 152 16.36 15.83 17.43
CA GLU A 152 17.29 16.94 17.18
C GLU A 152 18.72 16.46 16.92
N GLU A 153 19.10 15.28 17.41
CA GLU A 153 20.39 14.68 17.08
C GLU A 153 20.58 14.41 15.59
N ILE A 154 19.54 14.50 14.76
CA ILE A 154 19.77 14.43 13.32
C ILE A 154 20.86 15.42 12.91
N TYR A 155 20.87 16.62 13.51
CA TYR A 155 21.85 17.63 13.09
C TYR A 155 23.26 17.17 13.39
N ASP A 156 23.50 16.69 14.62
CA ASP A 156 24.83 16.25 15.02
C ASP A 156 25.32 15.09 14.17
N GLU A 157 24.45 14.07 13.98
CA GLU A 157 24.88 12.85 13.30
C GLU A 157 25.18 13.09 11.82
N PHE A 158 24.44 14.00 11.18
CA PHE A 158 24.49 14.14 9.73
C PHE A 158 25.09 15.44 9.20
N SER A 159 25.12 16.53 9.99
CA SER A 159 25.49 17.84 9.41
C SER A 159 26.90 17.87 8.86
N ARG A 160 27.80 17.03 9.35
CA ARG A 160 29.19 16.99 8.90
C ARG A 160 29.53 15.68 8.19
N SER A 161 28.52 14.95 7.71
CA SER A 161 28.66 13.68 7.01
C SER A 161 28.71 13.90 5.50
N GLY A 162 28.85 12.80 4.74
CA GLY A 162 28.73 12.92 3.30
C GLY A 162 27.34 12.70 2.74
N VAL A 163 26.31 12.58 3.59
CA VAL A 163 24.94 12.27 3.18
C VAL A 163 24.17 13.57 2.96
N ARG A 164 23.34 13.63 1.91
CA ARG A 164 22.39 14.71 1.68
C ARG A 164 21.03 14.34 2.30
N VAL A 165 20.51 15.19 3.18
CA VAL A 165 19.37 14.86 4.03
C VAL A 165 18.17 15.75 3.73
N SER A 166 17.00 15.15 3.53
CA SER A 166 15.71 15.84 3.44
C SER A 166 14.70 15.26 4.43
N ILE A 167 13.72 16.06 4.84
CA ILE A 167 12.62 15.59 5.68
C ILE A 167 11.30 15.79 4.92
N ILE A 168 10.44 14.76 4.93
CA ILE A 168 9.06 14.86 4.45
C ILE A 168 8.12 14.62 5.63
N GLY A 169 6.91 15.18 5.55
CA GLY A 169 6.00 15.23 6.67
C GLY A 169 5.58 16.66 6.98
N CYS A 170 4.63 16.79 7.92
CA CYS A 170 4.09 18.09 8.33
C CYS A 170 4.96 18.66 9.44
N LYS A 171 5.94 19.49 9.04
CA LYS A 171 6.90 20.05 9.98
C LYS A 171 6.29 21.02 10.98
N SER A 172 5.16 21.66 10.65
CA SER A 172 4.64 22.71 11.53
C SER A 172 4.05 22.16 12.83
N ASP A 173 3.74 20.86 12.91
CA ASP A 173 3.31 20.27 14.17
C ASP A 173 4.46 19.98 15.13
N LEU A 174 5.67 20.12 14.67
CA LEU A 174 6.77 19.74 15.53
C LEU A 174 7.19 20.92 16.40
N PRO A 175 7.88 20.67 17.51
CA PRO A 175 8.45 21.77 18.29
C PRO A 175 9.34 22.67 17.45
N MET A 176 9.26 23.97 17.70
CA MET A 176 9.97 24.91 16.83
C MET A 176 11.47 24.69 16.87
N THR A 177 12.00 24.14 17.98
CA THR A 177 13.42 23.78 18.03
C THR A 177 13.74 22.64 17.07
N LEU A 178 12.87 21.64 16.98
CA LEU A 178 13.07 20.57 16.00
C LEU A 178 12.97 21.12 14.58
N GLN A 179 11.98 21.99 14.33
CA GLN A 179 11.86 22.62 13.02
C GLN A 179 13.15 23.33 12.61
N LYS A 180 13.89 23.86 13.59
CA LYS A 180 15.09 24.61 13.24
C LYS A 180 16.26 23.66 12.98
N CYS A 181 16.42 22.62 13.80
CA CYS A 181 17.45 21.62 13.52
C CYS A 181 17.26 21.01 12.13
N ILE A 182 16.01 20.65 11.80
CA ILE A 182 15.68 20.12 10.48
C ILE A 182 16.10 21.08 9.38
N ALA A 183 15.61 22.33 9.45
CA ALA A 183 15.99 23.36 8.49
C ALA A 183 17.50 23.50 8.34
N LEU A 184 18.23 23.39 9.45
CA LEU A 184 19.70 23.51 9.40
C LEU A 184 20.38 22.27 8.85
N THR A 185 19.86 21.08 9.19
CA THR A 185 20.41 19.86 8.59
C THR A 185 20.23 19.88 7.08
N GLU A 186 19.03 20.24 6.61
CA GLU A 186 18.82 20.34 5.17
C GLU A 186 19.77 21.36 4.54
N GLU A 187 19.95 22.51 5.20
CA GLU A 187 20.82 23.56 4.65
C GLU A 187 22.29 23.11 4.58
N THR A 188 22.83 22.54 5.66
CA THR A 188 24.25 22.27 5.62
C THR A 188 24.62 21.09 4.69
N THR A 189 23.68 20.19 4.40
CA THR A 189 24.00 19.00 3.60
C THR A 189 23.54 19.09 2.15
N LYS A 190 22.88 20.19 1.75
CA LYS A 190 22.23 20.26 0.45
C LYS A 190 23.18 20.03 -0.72
N GLY A 191 24.47 20.29 -0.53
CA GLY A 191 25.42 20.17 -1.62
C GLY A 191 26.12 18.84 -1.73
N ASN A 192 25.89 17.95 -0.77
CA ASN A 192 26.47 16.61 -0.81
C ASN A 192 25.98 15.83 -2.01
N LYS A 193 26.91 15.25 -2.76
CA LYS A 193 26.57 14.56 -4.00
C LYS A 193 26.42 13.06 -3.81
N GLY A 194 26.50 12.56 -2.58
CA GLY A 194 26.41 11.13 -2.38
C GLY A 194 24.99 10.62 -2.26
N LEU A 195 24.78 9.72 -1.30
CA LEU A 195 23.47 9.14 -1.05
C LEU A 195 22.52 10.22 -0.54
N HIS A 196 21.25 10.10 -0.96
CA HIS A 196 20.19 11.00 -0.51
C HIS A 196 19.32 10.29 0.51
N LEU A 197 19.33 10.77 1.75
CA LEU A 197 18.52 10.21 2.83
C LEU A 197 17.28 11.07 3.02
N VAL A 198 16.10 10.49 2.79
CA VAL A 198 14.83 11.17 3.08
C VAL A 198 14.29 10.62 4.40
N ILE A 199 14.12 11.48 5.40
CA ILE A 199 13.57 11.05 6.68
C ILE A 199 12.11 11.48 6.75
N ALA A 200 11.20 10.49 6.88
CA ALA A 200 9.76 10.74 6.97
C ALA A 200 9.39 10.90 8.44
N LEU A 201 9.06 12.12 8.84
CA LEU A 201 8.91 12.51 10.24
C LEU A 201 7.58 13.26 10.36
N ASN A 202 6.63 12.69 11.11
CA ASN A 202 5.23 13.14 11.09
C ASN A 202 4.61 13.02 9.70
N TYR A 203 4.80 11.84 9.11
CA TYR A 203 4.39 11.56 7.73
C TYR A 203 3.39 10.39 7.72
N GLY A 204 2.53 10.38 6.69
CA GLY A 204 1.68 9.23 6.41
C GLY A 204 1.26 9.27 4.96
N GLY A 205 0.92 8.09 4.42
CA GLY A 205 0.48 8.04 3.04
C GLY A 205 -0.83 8.78 2.81
N TYR A 206 -1.78 8.68 3.76
CA TYR A 206 -3.02 9.45 3.64
C TYR A 206 -2.72 10.93 3.55
N TYR A 207 -1.90 11.43 4.49
CA TYR A 207 -1.51 12.83 4.49
C TYR A 207 -0.89 13.26 3.16
N ASP A 208 -0.01 12.41 2.60
CA ASP A 208 0.70 12.80 1.37
C ASP A 208 -0.26 12.90 0.19
N ILE A 209 -1.22 11.98 0.11
CA ILE A 209 -2.21 12.01 -0.97
C ILE A 209 -3.18 13.16 -0.78
N LEU A 210 -3.58 13.43 0.47
CA LEU A 210 -4.50 14.54 0.71
C LEU A 210 -3.84 15.88 0.42
N GLN A 211 -2.55 16.08 0.79
CA GLN A 211 -1.96 17.38 0.49
C GLN A 211 -1.73 17.56 -1.00
N ALA A 212 -1.43 16.48 -1.73
CA ALA A 212 -1.34 16.60 -3.18
C ALA A 212 -2.70 16.96 -3.80
N THR A 213 -3.79 16.38 -3.26
CA THR A 213 -5.13 16.68 -3.76
C THR A 213 -5.49 18.17 -3.55
N LYS A 214 -5.25 18.69 -2.34
CA LYS A 214 -5.50 20.11 -2.07
C LYS A 214 -4.69 21.02 -3.00
N SER A 215 -3.44 20.64 -3.31
CA SER A 215 -2.64 21.44 -4.22
C SER A 215 -3.26 21.45 -5.63
N ILE A 216 -3.72 20.29 -6.11
CA ILE A 216 -4.34 20.22 -7.42
C ILE A 216 -5.66 21.01 -7.44
N VAL A 217 -6.42 20.95 -6.36
CA VAL A 217 -7.67 21.70 -6.29
C VAL A 217 -7.39 23.21 -6.39
N ASN A 218 -6.34 23.69 -5.73
CA ASN A 218 -6.03 25.13 -5.77
C ASN A 218 -5.57 25.56 -7.15
N LYS A 219 -4.84 24.70 -7.86
CA LYS A 219 -4.45 25.02 -9.22
C LYS A 219 -5.66 25.12 -10.14
N ALA A 220 -6.64 24.22 -9.98
CA ALA A 220 -7.84 24.30 -10.82
C ALA A 220 -8.61 25.58 -10.55
N MET A 221 -8.78 25.92 -9.27
CA MET A 221 -9.54 27.12 -8.89
C MET A 221 -8.83 28.39 -9.30
N ASN A 222 -7.54 28.33 -9.62
CA ASN A 222 -6.81 29.46 -10.14
C ASN A 222 -6.65 29.42 -11.66
N GLY A 223 -7.38 28.53 -12.33
CA GLY A 223 -7.34 28.49 -13.79
C GLY A 223 -6.09 27.91 -14.40
N LEU A 224 -5.34 27.09 -13.66
CA LEU A 224 -4.07 26.55 -14.14
C LEU A 224 -4.18 25.16 -14.76
N LEU A 225 -5.28 24.45 -14.56
CA LEU A 225 -5.44 23.14 -15.17
C LEU A 225 -6.91 22.77 -15.20
N ASP A 226 -7.24 21.85 -16.10
CA ASP A 226 -8.59 21.32 -16.24
C ASP A 226 -8.64 19.90 -15.68
N VAL A 227 -9.86 19.48 -15.29
CA VAL A 227 -10.03 18.13 -14.75
C VAL A 227 -9.46 17.08 -15.69
N GLU A 228 -9.55 17.31 -17.01
CA GLU A 228 -8.99 16.38 -17.99
C GLU A 228 -7.47 16.31 -17.97
N ASP A 229 -6.79 17.25 -17.29
CA ASP A 229 -5.34 17.20 -17.16
C ASP A 229 -4.85 16.38 -15.97
N ILE A 230 -5.76 15.82 -15.17
CA ILE A 230 -5.35 15.10 -13.96
C ILE A 230 -4.98 13.66 -14.35
N ASN A 231 -3.69 13.33 -14.20
CA ASN A 231 -3.22 12.00 -14.59
C ASN A 231 -2.13 11.58 -13.62
N LYS A 232 -1.64 10.34 -13.79
CA LYS A 232 -0.62 9.79 -12.89
C LYS A 232 0.60 10.69 -12.79
N ASN A 233 1.03 11.31 -13.90
CA ASN A 233 2.22 12.16 -13.90
C ASN A 233 2.01 13.45 -13.12
N LEU A 234 0.88 14.11 -13.35
CA LEU A 234 0.59 15.35 -12.61
C LEU A 234 0.53 15.11 -11.12
N PHE A 235 -0.18 14.05 -10.72
CA PHE A 235 -0.35 13.76 -9.31
C PHE A 235 0.98 13.43 -8.66
N ASP A 236 1.82 12.71 -9.40
CA ASP A 236 3.13 12.32 -8.89
C ASP A 236 3.99 13.54 -8.56
N GLN A 237 3.89 14.61 -9.36
CA GLN A 237 4.73 15.79 -9.12
C GLN A 237 4.28 16.62 -7.93
N GLU A 238 3.09 16.37 -7.37
CA GLU A 238 2.63 17.09 -6.19
C GLU A 238 2.87 16.34 -4.89
N LEU A 239 3.25 15.06 -4.94
CA LEU A 239 3.52 14.30 -3.73
C LEU A 239 4.87 14.72 -3.14
N GLU A 240 5.05 14.45 -1.83
CA GLU A 240 6.33 14.76 -1.19
C GLU A 240 7.43 13.76 -1.53
N SER A 241 7.09 12.50 -1.78
CA SER A 241 8.03 11.50 -2.26
C SER A 241 7.69 11.21 -3.72
N LYS A 242 8.60 11.52 -4.64
CA LYS A 242 8.34 11.49 -6.08
C LYS A 242 9.13 10.39 -6.77
N CYS A 243 8.85 10.22 -8.07
CA CYS A 243 9.62 9.33 -8.94
C CYS A 243 11.09 9.68 -8.88
N PRO A 244 12.02 8.68 -8.84
CA PRO A 244 11.82 7.22 -8.83
C PRO A 244 11.38 6.65 -7.48
N ASN A 245 10.36 5.79 -7.52
CA ASN A 245 9.78 5.20 -6.32
C ASN A 245 10.68 4.08 -5.81
N PRO A 246 10.47 3.60 -4.58
CA PRO A 246 11.32 2.51 -4.06
C PRO A 246 11.18 1.24 -4.88
N ASP A 247 12.34 0.66 -5.25
CA ASP A 247 12.39 -0.69 -5.83
C ASP A 247 12.19 -1.77 -4.79
N LEU A 248 12.65 -1.53 -3.55
CA LEU A 248 12.61 -2.51 -2.48
C LEU A 248 12.19 -1.82 -1.20
N LEU A 249 11.28 -2.45 -0.45
CA LEU A 249 10.91 -2.05 0.91
C LEU A 249 11.46 -3.07 1.90
N ILE A 250 12.19 -2.61 2.93
CA ILE A 250 12.66 -3.47 4.02
C ILE A 250 11.94 -3.06 5.30
N ARG A 251 11.25 -3.99 5.96
CA ARG A 251 10.65 -3.69 7.26
C ARG A 251 11.18 -4.66 8.30
N THR A 252 11.93 -4.13 9.27
CA THR A 252 12.41 -4.86 10.43
C THR A 252 11.29 -4.99 11.46
N GLY A 253 11.47 -5.89 12.44
CA GLY A 253 10.56 -5.98 13.56
C GLY A 253 9.43 -7.01 13.49
N GLY A 254 9.37 -7.85 12.46
CA GLY A 254 8.46 -8.99 12.45
C GLY A 254 7.08 -8.77 11.85
N GLU A 255 6.60 -7.55 11.73
CA GLU A 255 5.21 -7.34 11.30
C GLU A 255 5.14 -7.25 9.78
N GLN A 256 4.00 -7.68 9.22
CA GLN A 256 3.80 -7.80 7.77
C GLN A 256 2.64 -6.89 7.34
N ARG A 257 2.95 -5.61 7.18
CA ARG A 257 2.01 -4.53 6.94
C ARG A 257 2.86 -3.28 6.68
N VAL A 258 2.26 -2.28 6.03
CA VAL A 258 3.00 -1.05 5.68
C VAL A 258 2.73 0.11 6.63
N SER A 259 1.71 0.02 7.49
CA SER A 259 1.49 0.99 8.56
C SER A 259 1.45 2.44 8.05
N ASN A 260 0.66 2.68 6.98
CA ASN A 260 0.45 4.04 6.45
C ASN A 260 1.76 4.79 6.10
N PHE A 261 2.74 4.05 5.55
CA PHE A 261 3.95 4.63 4.95
C PHE A 261 3.65 5.13 3.53
N LEU A 262 4.50 4.85 2.54
CA LEU A 262 4.40 5.44 1.19
C LEU A 262 3.39 4.72 0.28
N LEU A 263 2.08 4.95 0.53
CA LEU A 263 1.04 4.15 -0.12
C LEU A 263 1.09 4.24 -1.66
N TRP A 264 1.03 5.46 -2.21
CA TRP A 264 1.04 5.61 -3.67
C TRP A 264 2.36 5.11 -4.26
N GLN A 265 3.47 5.41 -3.59
CA GLN A 265 4.80 5.12 -4.10
C GLN A 265 5.17 3.64 -4.07
N LEU A 266 4.44 2.79 -3.35
CA LEU A 266 4.83 1.39 -3.19
C LEU A 266 4.04 0.46 -4.12
N ALA A 267 3.42 1.00 -5.18
CA ALA A 267 2.47 0.22 -5.99
C ALA A 267 3.13 -1.00 -6.64
N TYR A 268 4.40 -0.87 -7.05
CA TYR A 268 5.14 -1.96 -7.70
C TYR A 268 6.39 -2.39 -6.93
N THR A 269 6.63 -1.83 -5.74
CA THR A 269 7.79 -2.15 -4.90
C THR A 269 7.79 -3.61 -4.39
N GLU A 270 8.98 -4.22 -4.30
CA GLU A 270 9.11 -5.54 -3.67
C GLU A 270 9.09 -5.40 -2.14
N PHE A 271 8.29 -6.21 -1.45
CA PHE A 271 8.16 -6.18 0.01
C PHE A 271 9.02 -7.28 0.65
N TYR A 272 9.94 -6.89 1.54
CA TYR A 272 10.80 -7.81 2.28
C TYR A 272 10.60 -7.58 3.77
N PHE A 273 10.09 -8.58 4.48
CA PHE A 273 9.87 -8.47 5.92
C PHE A 273 10.86 -9.37 6.65
N THR A 274 11.56 -8.83 7.66
CA THR A 274 12.47 -9.62 8.46
C THR A 274 12.09 -9.54 9.93
N ASN A 275 12.31 -10.64 10.65
CA ASN A 275 12.08 -10.66 12.08
C ASN A 275 13.17 -9.94 12.87
N THR A 276 14.31 -9.65 12.25
CA THR A 276 15.37 -8.89 12.93
C THR A 276 14.85 -7.53 13.42
N LEU A 277 15.13 -7.21 14.70
CA LEU A 277 14.68 -5.91 15.24
C LEU A 277 15.65 -4.83 14.79
N PHE A 278 15.13 -3.60 14.66
CA PHE A 278 15.94 -2.57 14.02
C PHE A 278 17.32 -2.39 14.65
N PRO A 279 17.47 -2.33 15.98
CA PRO A 279 18.83 -2.11 16.52
C PRO A 279 19.80 -3.27 16.26
N ASP A 280 19.32 -4.44 15.84
CA ASP A 280 20.20 -5.54 15.42
C ASP A 280 20.41 -5.64 13.92
N PHE A 281 19.77 -4.79 13.11
CA PHE A 281 19.89 -4.90 11.66
C PHE A 281 21.28 -4.41 11.22
N GLY A 282 22.08 -5.29 10.63
CA GLY A 282 23.44 -4.92 10.25
C GLY A 282 23.79 -5.20 8.79
N GLU A 283 25.08 -5.12 8.47
CA GLU A 283 25.51 -5.23 7.07
C GLU A 283 25.11 -6.57 6.46
N GLU A 284 25.26 -7.65 7.22
CA GLU A 284 24.90 -8.96 6.69
C GLU A 284 23.40 -9.06 6.43
N ASP A 285 22.57 -8.45 7.29
CA ASP A 285 21.12 -8.48 7.09
C ASP A 285 20.71 -7.66 5.86
N LEU A 286 21.38 -6.54 5.61
CA LEU A 286 21.08 -5.74 4.41
C LEU A 286 21.45 -6.49 3.15
N LYS A 287 22.65 -7.09 3.15
CA LYS A 287 23.10 -7.90 2.02
C LYS A 287 22.14 -9.03 1.73
N GLU A 288 21.57 -9.66 2.76
CA GLU A 288 20.62 -10.74 2.53
C GLU A 288 19.36 -10.23 1.84
N ALA A 289 18.83 -9.09 2.29
CA ALA A 289 17.64 -8.51 1.67
C ALA A 289 17.87 -8.22 0.19
N ILE A 290 19.04 -7.69 -0.15
CA ILE A 290 19.37 -7.38 -1.54
C ILE A 290 19.49 -8.64 -2.38
N MET A 291 20.09 -9.70 -1.81
CA MET A 291 20.16 -10.98 -2.53
C MET A 291 18.77 -11.55 -2.80
N ASN A 292 17.91 -11.54 -1.79
CA ASN A 292 16.51 -11.90 -2.01
C ASN A 292 15.87 -11.06 -3.12
N PHE A 293 16.20 -9.76 -3.18
CA PHE A 293 15.63 -8.90 -4.20
C PHE A 293 16.09 -9.31 -5.59
N GLN A 294 17.38 -9.65 -5.74
CA GLN A 294 17.89 -10.04 -7.04
C GLN A 294 17.31 -11.38 -7.50
N GLN A 295 17.07 -12.30 -6.55
CA GLN A 295 16.41 -13.58 -6.87
C GLN A 295 15.01 -13.36 -7.41
N ARG A 296 14.27 -12.41 -6.82
CA ARG A 296 12.90 -12.15 -7.28
C ARG A 296 12.88 -11.69 -8.73
N HIS A 297 13.90 -10.95 -9.17
CA HIS A 297 13.86 -10.41 -10.52
C HIS A 297 14.19 -11.43 -11.61
N ARG A 298 15.04 -12.42 -11.31
CA ARG A 298 15.22 -13.53 -12.24
C ARG A 298 13.92 -14.29 -12.44
N ARG A 299 13.09 -14.36 -11.40
CA ARG A 299 11.87 -15.15 -11.42
C ARG A 299 10.73 -14.40 -12.10
N PHE A 300 10.50 -13.15 -11.69
CA PHE A 300 9.48 -12.28 -12.29
C PHE A 300 10.16 -11.02 -12.88
N SER B 55 -1.50 24.79 4.39
CA SER B 55 -1.28 24.61 5.83
C SER B 55 -1.65 23.17 6.25
N CYS B 56 -0.94 22.61 7.23
CA CYS B 56 -1.16 21.24 7.65
C CYS B 56 -1.21 21.13 9.17
N SER B 57 -1.94 20.14 9.66
CA SER B 57 -1.98 19.84 11.08
C SER B 57 -2.49 18.42 11.24
N LEU B 58 -1.66 17.55 11.83
CA LEU B 58 -1.95 16.12 11.92
C LEU B 58 -1.89 15.61 13.36
N ASN B 59 -1.82 16.52 14.33
CA ASN B 59 -1.58 16.15 15.71
C ASN B 59 -2.86 15.63 16.38
N LEU B 60 -3.91 16.45 16.38
CA LEU B 60 -5.14 16.15 17.10
C LEU B 60 -6.04 15.29 16.20
N GLN B 61 -6.23 14.04 16.58
CA GLN B 61 -7.04 13.05 15.86
C GLN B 61 -6.76 13.09 14.35
N LYS B 64 -10.46 7.47 13.13
CA LYS B 64 -10.80 7.59 11.72
C LYS B 64 -10.26 6.42 10.87
N LEU B 65 -10.00 5.28 11.50
CA LEU B 65 -9.45 4.10 10.82
C LEU B 65 -10.50 3.01 10.66
N CYS B 66 -10.60 2.45 9.46
CA CYS B 66 -11.68 1.56 9.02
C CYS B 66 -11.31 0.08 9.10
N TYR B 67 -10.82 -0.42 10.24
CA TYR B 67 -10.47 -1.83 10.41
C TYR B 67 -11.17 -2.38 11.64
N GLU B 68 -11.20 -3.71 11.73
CA GLU B 68 -11.85 -4.36 12.86
C GLU B 68 -10.88 -4.58 14.03
N LEU B 78 -11.27 -11.48 16.08
CA LEU B 78 -10.66 -12.78 15.84
C LEU B 78 -11.00 -13.31 14.46
N MET B 79 -11.87 -12.61 13.72
CA MET B 79 -12.25 -13.03 12.37
C MET B 79 -12.21 -11.82 11.44
N PRO B 80 -11.44 -11.86 10.35
CA PRO B 80 -11.39 -10.72 9.43
C PRO B 80 -12.74 -10.48 8.76
N LYS B 81 -13.19 -9.23 8.79
CA LYS B 81 -14.48 -8.86 8.21
C LYS B 81 -14.40 -8.77 6.69
N HIS B 82 -13.27 -8.26 6.17
CA HIS B 82 -13.04 -8.00 4.76
C HIS B 82 -11.69 -8.61 4.39
N ILE B 83 -11.69 -9.48 3.38
CA ILE B 83 -10.48 -10.11 2.86
C ILE B 83 -10.29 -9.67 1.42
N ALA B 84 -9.12 -9.12 1.10
CA ALA B 84 -8.76 -8.85 -0.28
C ALA B 84 -7.97 -10.02 -0.84
N LEU B 85 -8.12 -10.30 -2.14
CA LEU B 85 -7.59 -11.55 -2.69
C LEU B 85 -6.95 -11.27 -4.04
N ILE B 86 -5.64 -11.53 -4.16
CA ILE B 86 -4.94 -11.46 -5.45
C ILE B 86 -4.75 -12.89 -5.94
N MET B 87 -5.34 -13.20 -7.10
CA MET B 87 -5.47 -14.57 -7.60
C MET B 87 -4.38 -14.80 -8.65
N ASP B 88 -3.25 -15.34 -8.23
CA ASP B 88 -2.07 -15.42 -9.08
C ASP B 88 -1.63 -16.87 -9.24
N GLY B 89 -1.07 -17.19 -10.40
CA GLY B 89 -0.44 -18.48 -10.61
C GLY B 89 -1.22 -19.45 -11.46
N ASN B 90 -2.09 -18.92 -12.34
CA ASN B 90 -2.97 -19.77 -13.13
C ASN B 90 -2.23 -20.42 -14.30
N ARG B 91 -1.36 -19.67 -14.98
CA ARG B 91 -0.68 -20.22 -16.15
C ARG B 91 0.42 -21.22 -15.75
N ARG B 92 1.18 -20.91 -14.70
CA ARG B 92 2.12 -21.90 -14.19
C ARG B 92 1.40 -23.18 -13.80
N TRP B 93 0.17 -23.06 -13.29
CA TRP B 93 -0.59 -24.24 -12.91
C TRP B 93 -0.89 -25.11 -14.13
N ALA B 94 -1.32 -24.50 -15.22
CA ALA B 94 -1.70 -25.30 -16.40
C ALA B 94 -0.47 -25.99 -17.02
N LYS B 95 0.69 -25.34 -16.97
CA LYS B 95 1.92 -25.93 -17.56
C LYS B 95 2.30 -27.19 -16.79
N ASP B 96 2.45 -27.06 -15.48
CA ASP B 96 2.84 -28.22 -14.63
C ASP B 96 1.85 -29.36 -14.88
N LYS B 97 0.57 -29.03 -15.03
CA LYS B 97 -0.48 -30.06 -15.21
C LYS B 97 -0.52 -30.48 -16.68
N GLY B 98 0.30 -29.84 -17.52
CA GLY B 98 0.35 -30.19 -18.95
C GLY B 98 -0.96 -29.95 -19.65
N LEU B 99 -1.67 -28.88 -19.31
CA LEU B 99 -2.92 -28.54 -20.05
C LEU B 99 -2.68 -27.29 -20.90
N GLU B 100 -3.72 -26.80 -21.56
CA GLU B 100 -3.54 -25.66 -22.49
C GLU B 100 -3.25 -24.39 -21.67
N VAL B 101 -2.67 -23.37 -22.30
CA VAL B 101 -2.22 -22.16 -21.56
C VAL B 101 -3.34 -21.49 -20.75
N TYR B 102 -4.60 -21.59 -21.17
CA TYR B 102 -5.65 -20.81 -20.48
C TYR B 102 -6.53 -21.69 -19.59
N GLU B 103 -6.17 -22.95 -19.40
CA GLU B 103 -7.06 -23.78 -18.58
C GLU B 103 -7.01 -23.38 -17.11
N GLY B 104 -5.85 -22.88 -16.63
CA GLY B 104 -5.82 -22.31 -15.30
C GLY B 104 -6.80 -21.17 -15.13
N HIS B 105 -6.94 -20.33 -16.17
CA HIS B 105 -7.90 -19.22 -16.12
C HIS B 105 -9.34 -19.72 -16.05
N LYS B 106 -9.63 -20.88 -16.63
CA LYS B 106 -10.99 -21.43 -16.61
C LYS B 106 -11.42 -21.92 -15.24
N HIS B 107 -10.53 -21.84 -14.23
CA HIS B 107 -10.86 -22.24 -12.86
C HIS B 107 -11.13 -21.06 -11.95
N ILE B 108 -10.92 -19.82 -12.42
CA ILE B 108 -11.00 -18.66 -11.54
C ILE B 108 -12.38 -18.56 -10.89
N ILE B 109 -13.41 -18.46 -11.73
CA ILE B 109 -14.76 -18.15 -11.22
C ILE B 109 -15.29 -19.27 -10.33
N PRO B 110 -15.21 -20.55 -10.71
CA PRO B 110 -15.70 -21.61 -9.80
C PRO B 110 -14.99 -21.64 -8.47
N LYS B 111 -13.65 -21.62 -8.50
CA LYS B 111 -12.87 -21.50 -7.27
C LYS B 111 -13.31 -20.28 -6.47
N LEU B 112 -13.59 -19.17 -7.16
CA LEU B 112 -14.04 -17.96 -6.47
C LEU B 112 -15.38 -18.17 -5.78
N LYS B 113 -16.31 -18.85 -6.45
CA LYS B 113 -17.57 -19.20 -5.81
C LYS B 113 -17.36 -20.10 -4.61
N GLU B 114 -16.48 -21.10 -4.73
CA GLU B 114 -16.17 -21.97 -3.61
C GLU B 114 -15.60 -21.18 -2.43
N ILE B 115 -14.68 -20.25 -2.71
CA ILE B 115 -14.10 -19.46 -1.63
C ILE B 115 -15.16 -18.61 -0.95
N CYS B 116 -16.09 -18.02 -1.73
CA CYS B 116 -17.16 -17.24 -1.11
C CYS B 116 -17.98 -18.11 -0.17
N ASP B 117 -18.27 -19.35 -0.58
CA ASP B 117 -19.07 -20.26 0.23
C ASP B 117 -18.36 -20.60 1.54
N ILE B 118 -17.09 -21.03 1.45
CA ILE B 118 -16.29 -21.27 2.65
C ILE B 118 -16.26 -20.05 3.54
N SER B 119 -15.97 -18.88 2.96
CA SER B 119 -15.79 -17.66 3.76
C SER B 119 -17.10 -17.24 4.42
N SER B 120 -18.22 -17.36 3.70
CA SER B 120 -19.51 -16.98 4.24
C SER B 120 -19.86 -17.81 5.47
N LYS B 121 -19.57 -19.11 5.43
CA LYS B 121 -19.78 -19.99 6.58
C LYS B 121 -18.94 -19.55 7.79
N LEU B 122 -17.70 -19.10 7.54
CA LEU B 122 -16.81 -18.72 8.63
C LEU B 122 -17.24 -17.42 9.29
N GLY B 123 -17.92 -16.54 8.57
CA GLY B 123 -18.34 -15.27 9.12
C GLY B 123 -17.76 -14.07 8.41
N ILE B 124 -17.00 -14.26 7.33
CA ILE B 124 -16.45 -13.15 6.56
C ILE B 124 -17.56 -12.46 5.79
N GLN B 125 -17.53 -11.12 5.76
CA GLN B 125 -18.63 -10.33 5.23
C GLN B 125 -18.36 -9.77 3.84
N ILE B 126 -17.11 -9.45 3.51
CA ILE B 126 -16.75 -8.87 2.22
C ILE B 126 -15.52 -9.60 1.69
N ILE B 127 -15.51 -9.83 0.37
CA ILE B 127 -14.30 -10.27 -0.33
C ILE B 127 -14.13 -9.36 -1.55
N THR B 128 -12.95 -8.76 -1.69
CA THR B 128 -12.58 -8.02 -2.89
C THR B 128 -11.51 -8.82 -3.62
N ALA B 129 -11.80 -9.22 -4.87
CA ALA B 129 -10.94 -10.14 -5.61
C ALA B 129 -10.39 -9.44 -6.84
N PHE B 130 -9.08 -9.60 -7.08
CA PHE B 130 -8.37 -8.87 -8.12
C PHE B 130 -8.35 -9.72 -9.38
N ALA B 131 -9.23 -9.38 -10.33
CA ALA B 131 -9.45 -10.21 -11.50
C ALA B 131 -8.72 -9.71 -12.73
N PHE B 132 -8.51 -8.40 -12.88
CA PHE B 132 -7.95 -7.86 -14.10
C PHE B 132 -7.44 -6.45 -13.83
N SER B 133 -6.12 -6.28 -13.86
CA SER B 133 -5.51 -4.99 -13.54
C SER B 133 -5.41 -4.10 -14.76
N THR B 134 -4.96 -2.85 -14.52
CA THR B 134 -4.64 -1.94 -15.60
C THR B 134 -3.50 -2.46 -16.45
N GLU B 135 -2.58 -3.21 -15.84
CA GLU B 135 -1.39 -3.70 -16.52
C GLU B 135 -1.62 -5.01 -17.28
N ASN B 136 -2.77 -5.67 -17.07
CA ASN B 136 -3.09 -6.88 -17.82
C ASN B 136 -3.53 -6.58 -19.25
N TRP B 137 -3.73 -5.30 -19.59
CA TRP B 137 -4.00 -4.92 -20.97
C TRP B 137 -2.81 -5.20 -21.88
N LYS B 138 -1.62 -5.39 -21.30
CA LYS B 138 -0.40 -5.61 -22.07
C LYS B 138 -0.09 -7.10 -22.28
N ARG B 139 -0.96 -8.00 -21.82
CA ARG B 139 -0.85 -9.39 -22.18
C ARG B 139 -1.29 -9.57 -23.64
N SER B 140 -0.97 -10.74 -24.22
CA SER B 140 -1.27 -11.00 -25.62
C SER B 140 -2.76 -10.86 -25.88
N LYS B 141 -3.10 -10.29 -27.03
CA LYS B 141 -4.50 -9.97 -27.29
C LYS B 141 -5.37 -11.23 -27.47
N GLU B 142 -4.77 -12.41 -27.67
CA GLU B 142 -5.57 -13.64 -27.62
C GLU B 142 -5.85 -14.07 -26.17
N GLU B 143 -4.94 -13.75 -25.24
CA GLU B 143 -5.17 -14.02 -23.82
C GLU B 143 -6.14 -13.01 -23.19
N VAL B 144 -6.11 -11.76 -23.65
CA VAL B 144 -7.07 -10.76 -23.18
C VAL B 144 -8.48 -11.11 -23.62
N ASP B 145 -8.66 -11.50 -24.89
CA ASP B 145 -10.00 -11.89 -25.31
C ASP B 145 -10.49 -13.13 -24.58
N PHE B 146 -9.61 -14.12 -24.33
CA PHE B 146 -10.07 -15.30 -23.61
C PHE B 146 -10.69 -14.92 -22.28
N LEU B 147 -9.99 -14.06 -21.51
CA LEU B 147 -10.45 -13.68 -20.18
C LEU B 147 -11.77 -12.90 -20.24
N LEU B 148 -11.78 -11.77 -20.95
CA LEU B 148 -12.96 -10.91 -20.94
C LEU B 148 -14.21 -11.65 -21.39
N GLN B 149 -14.08 -12.64 -22.27
CA GLN B 149 -15.27 -13.41 -22.63
C GLN B 149 -15.57 -14.47 -21.58
N MET B 150 -14.55 -14.91 -20.82
CA MET B 150 -14.79 -15.90 -19.77
C MET B 150 -15.45 -15.27 -18.54
N PHE B 151 -15.17 -13.99 -18.26
CA PHE B 151 -15.81 -13.29 -17.15
C PHE B 151 -17.32 -13.23 -17.29
N GLU B 152 -17.84 -13.43 -18.50
CA GLU B 152 -19.28 -13.39 -18.70
C GLU B 152 -20.00 -14.53 -17.97
N GLU B 153 -19.26 -15.49 -17.40
CA GLU B 153 -19.82 -16.59 -16.63
C GLU B 153 -20.14 -16.19 -15.19
N ILE B 154 -19.79 -14.97 -14.76
CA ILE B 154 -20.18 -14.50 -13.43
C ILE B 154 -21.68 -14.67 -13.23
N TYR B 155 -22.47 -14.47 -14.29
CA TYR B 155 -23.92 -14.43 -14.16
C TYR B 155 -24.49 -15.79 -13.77
N ASP B 156 -24.08 -16.86 -14.48
CA ASP B 156 -24.55 -18.20 -14.15
C ASP B 156 -24.17 -18.61 -12.73
N GLU B 157 -22.97 -18.22 -12.30
CA GLU B 157 -22.43 -18.74 -11.06
C GLU B 157 -23.04 -18.10 -9.82
N PHE B 158 -23.40 -16.82 -9.91
CA PHE B 158 -23.74 -16.04 -8.72
C PHE B 158 -25.17 -15.55 -8.67
N SER B 159 -25.81 -15.26 -9.81
CA SER B 159 -27.17 -14.73 -9.80
C SER B 159 -28.14 -15.66 -9.07
N ARG B 160 -27.82 -16.95 -9.01
CA ARG B 160 -28.58 -17.90 -8.22
C ARG B 160 -28.41 -17.67 -6.72
N SER B 161 -27.18 -17.40 -6.30
CA SER B 161 -26.73 -17.56 -4.92
C SER B 161 -27.33 -16.50 -3.99
N GLY B 162 -26.92 -16.56 -2.73
CA GLY B 162 -27.21 -15.50 -1.80
C GLY B 162 -26.10 -14.46 -1.73
N VAL B 163 -25.19 -14.47 -2.73
CA VAL B 163 -24.04 -13.56 -2.74
C VAL B 163 -24.41 -12.27 -3.47
N ARG B 164 -24.06 -11.13 -2.89
CA ARG B 164 -24.23 -9.82 -3.52
C ARG B 164 -22.95 -9.45 -4.27
N VAL B 165 -23.08 -9.09 -5.55
CA VAL B 165 -21.94 -8.96 -6.45
C VAL B 165 -21.92 -7.54 -7.01
N SER B 166 -20.78 -6.86 -6.86
CA SER B 166 -20.52 -5.59 -7.53
C SER B 166 -19.15 -5.61 -8.20
N ILE B 167 -19.01 -4.77 -9.21
CA ILE B 167 -17.79 -4.65 -10.00
C ILE B 167 -17.26 -3.24 -9.84
N ILE B 168 -15.95 -3.10 -9.52
CA ILE B 168 -15.29 -1.81 -9.47
C ILE B 168 -14.27 -1.76 -10.59
N GLY B 169 -14.06 -0.56 -11.12
CA GLY B 169 -13.15 -0.31 -12.21
C GLY B 169 -13.80 0.47 -13.33
N CYS B 170 -13.04 0.68 -14.39
CA CYS B 170 -13.48 1.49 -15.52
C CYS B 170 -14.29 0.60 -16.46
N LYS B 171 -15.61 0.60 -16.29
CA LYS B 171 -16.48 -0.31 -17.03
C LYS B 171 -16.69 0.09 -18.48
N SER B 172 -16.49 1.36 -18.84
CA SER B 172 -16.77 1.82 -20.19
C SER B 172 -15.71 1.43 -21.22
N ASP B 173 -14.66 0.74 -20.82
CA ASP B 173 -13.63 0.29 -21.75
C ASP B 173 -13.80 -1.16 -22.18
N LEU B 174 -14.84 -1.83 -21.72
CA LEU B 174 -15.03 -3.24 -21.97
C LEU B 174 -16.00 -3.46 -23.12
N PRO B 175 -16.10 -4.68 -23.63
CA PRO B 175 -17.16 -4.99 -24.60
C PRO B 175 -18.53 -4.64 -24.05
N MET B 176 -19.37 -4.05 -24.90
CA MET B 176 -20.75 -3.77 -24.50
C MET B 176 -21.48 -5.02 -24.00
N THR B 177 -21.12 -6.19 -24.52
CA THR B 177 -21.72 -7.42 -24.01
C THR B 177 -21.28 -7.67 -22.56
N LEU B 178 -20.03 -7.35 -22.24
CA LEU B 178 -19.55 -7.46 -20.86
C LEU B 178 -20.19 -6.40 -19.95
N GLN B 179 -20.44 -5.20 -20.50
CA GLN B 179 -21.07 -4.15 -19.71
C GLN B 179 -22.49 -4.52 -19.30
N LYS B 180 -23.29 -5.04 -20.25
CA LYS B 180 -24.66 -5.45 -19.93
C LYS B 180 -24.67 -6.63 -18.97
N CYS B 181 -23.80 -7.61 -19.20
CA CYS B 181 -23.72 -8.77 -18.32
C CYS B 181 -23.37 -8.37 -16.89
N ILE B 182 -22.50 -7.35 -16.73
CA ILE B 182 -22.16 -6.87 -15.39
C ILE B 182 -23.34 -6.16 -14.76
N ALA B 183 -24.00 -5.26 -15.51
CA ALA B 183 -25.17 -4.57 -14.98
C ALA B 183 -26.25 -5.57 -14.56
N LEU B 184 -26.42 -6.64 -15.33
CA LEU B 184 -27.50 -7.59 -15.05
C LEU B 184 -27.20 -8.38 -13.78
N THR B 185 -25.91 -8.74 -13.57
CA THR B 185 -25.50 -9.46 -12.37
C THR B 185 -25.66 -8.59 -11.13
N GLU B 186 -25.20 -7.35 -11.19
CA GLU B 186 -25.38 -6.41 -10.09
C GLU B 186 -26.85 -6.24 -9.71
N GLU B 187 -27.71 -5.93 -10.70
CA GLU B 187 -29.14 -5.70 -10.42
C GLU B 187 -29.79 -6.94 -9.82
N THR B 188 -29.50 -8.12 -10.37
CA THR B 188 -30.15 -9.35 -9.92
C THR B 188 -29.80 -9.68 -8.46
N THR B 189 -28.55 -9.45 -8.06
CA THR B 189 -28.08 -9.81 -6.72
C THR B 189 -28.04 -8.65 -5.76
N LYS B 190 -28.50 -7.46 -6.16
CA LYS B 190 -28.36 -6.29 -5.29
C LYS B 190 -29.16 -6.44 -4.01
N GLY B 191 -30.15 -7.34 -4.00
CA GLY B 191 -30.94 -7.52 -2.80
C GLY B 191 -30.47 -8.62 -1.89
N ASN B 192 -29.49 -9.40 -2.33
CA ASN B 192 -29.04 -10.54 -1.54
C ASN B 192 -28.46 -10.08 -0.21
N LYS B 193 -28.71 -10.87 0.83
CA LYS B 193 -28.36 -10.49 2.18
C LYS B 193 -27.07 -11.15 2.68
N GLY B 194 -26.40 -11.95 1.86
CA GLY B 194 -25.25 -12.72 2.28
C GLY B 194 -23.92 -11.98 2.18
N LEU B 195 -22.87 -12.71 1.81
CA LEU B 195 -21.54 -12.11 1.68
C LEU B 195 -21.49 -11.19 0.45
N HIS B 196 -20.74 -10.09 0.58
CA HIS B 196 -20.58 -9.12 -0.50
C HIS B 196 -19.29 -9.40 -1.26
N LEU B 197 -19.42 -9.79 -2.52
CA LEU B 197 -18.27 -10.07 -3.39
C LEU B 197 -18.06 -8.88 -4.33
N VAL B 198 -16.88 -8.26 -4.24
CA VAL B 198 -16.50 -7.14 -5.12
C VAL B 198 -15.45 -7.66 -6.09
N ILE B 199 -15.72 -7.53 -7.38
CA ILE B 199 -14.80 -7.98 -8.42
C ILE B 199 -14.16 -6.76 -9.06
N ALA B 200 -12.84 -6.64 -8.91
CA ALA B 200 -12.09 -5.50 -9.43
C ALA B 200 -11.67 -5.84 -10.85
N LEU B 201 -12.28 -5.18 -11.81
CA LEU B 201 -12.15 -5.52 -13.21
C LEU B 201 -11.84 -4.24 -13.97
N ASN B 202 -10.67 -4.20 -14.59
CA ASN B 202 -10.14 -2.96 -15.17
C ASN B 202 -9.99 -1.88 -14.09
N TYR B 203 -9.42 -2.29 -12.96
CA TYR B 203 -9.21 -1.47 -11.77
C TYR B 203 -7.72 -1.34 -11.48
N GLY B 204 -7.36 -0.26 -10.80
CA GLY B 204 -6.03 -0.15 -10.21
C GLY B 204 -6.07 0.89 -9.11
N GLY B 205 -5.05 0.83 -8.24
CA GLY B 205 -5.00 1.78 -7.15
C GLY B 205 -4.79 3.21 -7.59
N TYR B 206 -3.90 3.44 -8.57
CA TYR B 206 -3.78 4.77 -9.17
C TYR B 206 -5.11 5.26 -9.74
N TYR B 207 -5.81 4.39 -10.46
CA TYR B 207 -7.09 4.77 -11.05
C TYR B 207 -8.07 5.25 -9.98
N ASP B 208 -8.19 4.49 -8.90
CA ASP B 208 -9.17 4.82 -7.86
C ASP B 208 -8.87 6.19 -7.23
N ILE B 209 -7.61 6.45 -6.88
CA ILE B 209 -7.22 7.77 -6.32
C ILE B 209 -7.43 8.89 -7.33
N LEU B 210 -7.12 8.65 -8.61
CA LEU B 210 -7.27 9.73 -9.59
C LEU B 210 -8.73 10.07 -9.86
N GLN B 211 -9.60 9.06 -10.03
CA GLN B 211 -11.02 9.38 -10.25
C GLN B 211 -11.65 10.03 -9.02
N ALA B 212 -11.20 9.68 -7.81
CA ALA B 212 -11.72 10.37 -6.64
C ALA B 212 -11.27 11.82 -6.64
N THR B 213 -10.01 12.07 -7.03
CA THR B 213 -9.49 13.42 -7.12
C THR B 213 -10.26 14.26 -8.14
N LYS B 214 -10.55 13.70 -9.32
CA LYS B 214 -11.31 14.45 -10.32
C LYS B 214 -12.69 14.84 -9.80
N SER B 215 -13.36 13.92 -9.08
CA SER B 215 -14.69 14.22 -8.55
C SER B 215 -14.64 15.30 -7.47
N ILE B 216 -13.59 15.31 -6.64
CA ILE B 216 -13.40 16.35 -5.63
C ILE B 216 -13.10 17.71 -6.28
N VAL B 217 -12.28 17.73 -7.33
CA VAL B 217 -12.00 18.99 -8.04
C VAL B 217 -13.29 19.58 -8.63
N ASN B 218 -14.11 18.74 -9.25
CA ASN B 218 -15.32 19.23 -9.92
C ASN B 218 -16.31 19.81 -8.91
N LYS B 219 -16.37 19.22 -7.71
CA LYS B 219 -17.19 19.77 -6.65
C LYS B 219 -16.65 21.12 -6.16
N ALA B 220 -15.33 21.22 -5.90
CA ALA B 220 -14.76 22.49 -5.46
C ALA B 220 -14.97 23.60 -6.49
N MET B 221 -14.86 23.26 -7.77
CA MET B 221 -15.03 24.23 -8.85
C MET B 221 -16.47 24.72 -8.95
N ASN B 222 -17.43 23.95 -8.45
CA ASN B 222 -18.85 24.31 -8.47
C ASN B 222 -19.36 24.74 -7.11
N GLY B 223 -18.47 25.09 -6.19
CA GLY B 223 -18.86 25.64 -4.90
C GLY B 223 -19.49 24.68 -3.93
N LEU B 224 -19.43 23.37 -4.20
CA LEU B 224 -20.07 22.40 -3.32
C LEU B 224 -19.21 21.99 -2.14
N LEU B 225 -17.91 22.29 -2.14
CA LEU B 225 -17.05 22.05 -0.99
C LEU B 225 -15.89 23.04 -1.03
N ASP B 226 -15.22 23.16 0.13
CA ASP B 226 -14.05 23.99 0.35
C ASP B 226 -12.79 23.14 0.49
N VAL B 227 -11.64 23.72 0.16
CA VAL B 227 -10.37 23.00 0.31
C VAL B 227 -10.19 22.49 1.73
N GLU B 228 -10.75 23.19 2.71
CA GLU B 228 -10.64 22.78 4.10
C GLU B 228 -11.53 21.58 4.43
N ASP B 229 -12.44 21.20 3.54
CA ASP B 229 -13.22 19.99 3.77
C ASP B 229 -12.49 18.73 3.32
N ILE B 230 -11.33 18.85 2.68
CA ILE B 230 -10.65 17.70 2.06
C ILE B 230 -9.89 16.96 3.17
N ASN B 231 -10.44 15.82 3.62
CA ASN B 231 -9.86 15.03 4.69
C ASN B 231 -10.06 13.54 4.38
N LYS B 232 -9.61 12.68 5.30
CA LYS B 232 -9.60 11.24 5.00
C LYS B 232 -11.01 10.71 4.77
N ASN B 233 -11.98 11.19 5.56
CA ASN B 233 -13.35 10.69 5.38
C ASN B 233 -13.99 11.17 4.08
N LEU B 234 -13.70 12.40 3.63
CA LEU B 234 -14.18 12.82 2.32
C LEU B 234 -13.61 11.95 1.21
N PHE B 235 -12.29 11.76 1.22
CA PHE B 235 -11.66 10.92 0.21
C PHE B 235 -12.21 9.50 0.25
N ASP B 236 -12.37 8.95 1.46
CA ASP B 236 -12.96 7.64 1.62
C ASP B 236 -14.29 7.52 0.88
N GLN B 237 -15.13 8.57 0.94
CA GLN B 237 -16.47 8.48 0.34
C GLN B 237 -16.44 8.58 -1.18
N GLU B 238 -15.36 9.08 -1.78
CA GLU B 238 -15.29 9.18 -3.23
C GLU B 238 -14.62 7.99 -3.92
N LEU B 239 -13.88 7.16 -3.18
CA LEU B 239 -13.20 6.01 -3.77
C LEU B 239 -14.21 4.90 -4.06
N GLU B 240 -13.91 4.08 -5.08
CA GLU B 240 -14.81 2.96 -5.41
C GLU B 240 -14.73 1.83 -4.39
N SER B 241 -13.56 1.57 -3.79
CA SER B 241 -13.44 0.58 -2.71
C SER B 241 -13.47 1.35 -1.39
N LYS B 242 -14.49 1.09 -0.59
CA LYS B 242 -14.85 1.96 0.51
C LYS B 242 -14.63 1.25 1.84
N CYS B 243 -14.71 2.04 2.92
CA CYS B 243 -14.72 1.48 4.27
C CYS B 243 -15.90 0.53 4.43
N PRO B 244 -15.74 -0.55 5.21
CA PRO B 244 -14.52 -0.99 5.93
C PRO B 244 -13.43 -1.57 5.01
N ASN B 245 -12.15 -1.29 5.28
CA ASN B 245 -11.05 -1.72 4.42
C ASN B 245 -10.63 -3.15 4.74
N PRO B 246 -9.82 -3.78 3.89
CA PRO B 246 -9.43 -5.19 4.16
C PRO B 246 -8.59 -5.34 5.42
N ASP B 247 -9.00 -6.29 6.27
CA ASP B 247 -8.19 -6.65 7.44
C ASP B 247 -7.02 -7.54 7.03
N LEU B 248 -7.20 -8.34 5.99
CA LEU B 248 -6.25 -9.35 5.56
C LEU B 248 -6.20 -9.35 4.04
N LEU B 249 -4.99 -9.41 3.49
N LEU B 249 -4.99 -9.33 3.50
CA LEU B 249 -4.78 -9.52 2.04
CA LEU B 249 -4.75 -9.53 2.09
C LEU B 249 -4.03 -10.81 1.76
C LEU B 249 -4.10 -10.90 1.91
N ILE B 250 -4.66 -11.72 1.01
CA ILE B 250 -4.05 -13.00 0.62
C ILE B 250 -3.55 -12.88 -0.81
N ARG B 251 -2.26 -13.15 -1.02
CA ARG B 251 -1.76 -13.23 -2.40
C ARG B 251 -1.20 -14.63 -2.65
N THR B 252 -1.84 -15.37 -3.56
CA THR B 252 -1.37 -16.67 -4.05
C THR B 252 -0.33 -16.48 -5.15
N GLY B 253 0.46 -17.52 -5.40
CA GLY B 253 1.31 -17.51 -6.57
C GLY B 253 2.74 -17.03 -6.38
N GLY B 254 3.21 -16.88 -5.14
CA GLY B 254 4.63 -16.67 -4.89
C GLY B 254 5.15 -15.22 -4.85
N GLU B 255 4.49 -14.24 -5.47
CA GLU B 255 5.02 -12.87 -5.44
C GLU B 255 4.68 -12.14 -4.15
N GLN B 256 5.55 -11.22 -3.75
CA GLN B 256 5.43 -10.51 -2.48
C GLN B 256 5.42 -9.01 -2.78
N ARG B 257 4.29 -8.54 -3.31
CA ARG B 257 4.06 -7.14 -3.66
C ARG B 257 2.56 -6.99 -3.92
N VAL B 258 2.11 -5.75 -4.10
CA VAL B 258 0.68 -5.51 -4.30
C VAL B 258 0.31 -5.18 -5.74
N SER B 259 1.27 -4.84 -6.60
CA SER B 259 1.04 -4.67 -8.04
C SER B 259 -0.16 -3.77 -8.35
N ASN B 260 -0.18 -2.56 -7.77
CA ASN B 260 -1.19 -1.55 -8.11
C ASN B 260 -2.63 -2.05 -7.94
N PHE B 261 -2.87 -2.87 -6.90
CA PHE B 261 -4.21 -3.28 -6.48
C PHE B 261 -4.71 -2.17 -5.56
N LEU B 262 -5.29 -2.50 -4.44
CA LEU B 262 -5.68 -1.44 -3.55
C LEU B 262 -4.39 -0.76 -3.08
N LEU B 263 -4.38 0.56 -3.05
CA LEU B 263 -3.28 1.30 -2.43
C LEU B 263 -3.74 2.03 -1.19
N TRP B 264 -4.71 2.94 -1.33
CA TRP B 264 -5.20 3.72 -0.19
C TRP B 264 -5.77 2.81 0.88
N GLN B 265 -6.51 1.78 0.47
CA GLN B 265 -7.24 0.92 1.38
C GLN B 265 -6.35 -0.03 2.20
N LEU B 266 -5.07 -0.19 1.85
CA LEU B 266 -4.24 -1.21 2.52
C LEU B 266 -3.35 -0.65 3.63
N ALA B 267 -3.59 0.59 4.07
CA ALA B 267 -2.66 1.29 4.97
C ALA B 267 -2.32 0.47 6.20
N TYR B 268 -3.31 -0.25 6.79
CA TYR B 268 -3.02 -1.10 7.95
C TYR B 268 -3.52 -2.55 7.76
N THR B 269 -3.74 -2.96 6.51
CA THR B 269 -4.03 -4.37 6.20
C THR B 269 -2.86 -5.30 6.58
N GLU B 270 -3.17 -6.47 7.15
CA GLU B 270 -2.20 -7.55 7.34
C GLU B 270 -1.98 -8.33 6.04
N PHE B 271 -0.72 -8.55 5.66
CA PHE B 271 -0.37 -9.27 4.44
C PHE B 271 -0.05 -10.75 4.72
N TYR B 272 -0.60 -11.63 3.88
CA TYR B 272 -0.31 -13.06 3.89
C TYR B 272 0.06 -13.50 2.48
N PHE B 273 1.29 -14.00 2.29
CA PHE B 273 1.76 -14.42 0.97
C PHE B 273 1.97 -15.94 0.99
N THR B 274 1.45 -16.64 -0.04
CA THR B 274 1.66 -18.09 -0.18
C THR B 274 2.19 -18.42 -1.57
N ASN B 275 2.98 -19.51 -1.64
CA ASN B 275 3.47 -20.01 -2.93
C ASN B 275 2.43 -20.84 -3.67
N THR B 276 1.41 -21.31 -2.97
CA THR B 276 0.31 -22.04 -3.60
C THR B 276 -0.27 -21.30 -4.80
N LEU B 277 -0.36 -22.00 -5.93
CA LEU B 277 -1.00 -21.41 -7.10
C LEU B 277 -2.52 -21.37 -6.89
N PHE B 278 -3.16 -20.36 -7.47
CA PHE B 278 -4.57 -20.11 -7.14
C PHE B 278 -5.47 -21.34 -7.36
N PRO B 279 -5.37 -22.09 -8.46
CA PRO B 279 -6.28 -23.25 -8.64
C PRO B 279 -6.10 -24.33 -7.57
N ASP B 280 -4.96 -24.37 -6.90
CA ASP B 280 -4.74 -25.30 -5.79
C ASP B 280 -5.19 -24.72 -4.45
N PHE B 281 -5.70 -23.49 -4.43
CA PHE B 281 -5.98 -22.78 -3.18
C PHE B 281 -7.37 -23.17 -2.73
N GLY B 282 -7.46 -23.96 -1.67
CA GLY B 282 -8.76 -24.48 -1.28
C GLY B 282 -9.04 -24.29 0.19
N GLU B 283 -10.03 -25.04 0.68
CA GLU B 283 -10.54 -24.79 2.02
C GLU B 283 -9.46 -24.87 3.08
N GLU B 284 -8.56 -25.85 2.98
CA GLU B 284 -7.54 -25.98 4.02
C GLU B 284 -6.55 -24.82 3.96
N ASP B 285 -6.18 -24.39 2.75
CA ASP B 285 -5.29 -23.24 2.57
C ASP B 285 -5.91 -21.95 3.11
N LEU B 286 -7.19 -21.73 2.85
CA LEU B 286 -7.85 -20.52 3.36
C LEU B 286 -7.87 -20.52 4.89
N LYS B 287 -8.19 -21.66 5.50
CA LYS B 287 -8.18 -21.73 6.96
C LYS B 287 -6.78 -21.56 7.52
N GLU B 288 -5.75 -22.01 6.78
CA GLU B 288 -4.37 -21.72 7.17
C GLU B 288 -4.11 -20.22 7.17
N ALA B 289 -4.57 -19.51 6.14
CA ALA B 289 -4.38 -18.06 6.08
C ALA B 289 -5.09 -17.36 7.23
N ILE B 290 -6.29 -17.82 7.58
CA ILE B 290 -7.08 -17.15 8.62
C ILE B 290 -6.50 -17.38 10.01
N MET B 291 -5.98 -18.59 10.27
CA MET B 291 -5.36 -18.86 11.56
C MET B 291 -4.07 -18.05 11.74
N ASN B 292 -3.27 -17.95 10.68
CA ASN B 292 -2.10 -17.09 10.68
C ASN B 292 -2.48 -15.64 11.03
N PHE B 293 -3.54 -15.11 10.40
CA PHE B 293 -4.01 -13.76 10.69
C PHE B 293 -4.40 -13.61 12.15
N GLN B 294 -4.98 -14.66 12.74
CA GLN B 294 -5.48 -14.60 14.11
C GLN B 294 -4.35 -14.55 15.14
N GLN B 295 -3.13 -14.92 14.76
CA GLN B 295 -2.00 -14.85 15.66
C GLN B 295 -1.33 -13.47 15.67
N ARG B 296 -1.63 -12.62 14.68
CA ARG B 296 -0.97 -11.32 14.55
C ARG B 296 -1.46 -10.37 15.63
N HIS B 297 -0.61 -9.43 16.03
CA HIS B 297 -0.99 -8.35 16.94
C HIS B 297 -1.00 -7.04 16.19
N ARG B 298 -2.16 -6.40 16.13
CA ARG B 298 -2.34 -5.17 15.38
C ARG B 298 -2.29 -3.99 16.34
N ARG B 299 -1.38 -3.05 16.09
CA ARG B 299 -1.09 -1.94 17.00
C ARG B 299 -1.54 -0.58 16.46
N PHE B 300 -1.73 -0.46 15.14
CA PHE B 300 -2.26 0.77 14.53
C PHE B 300 -1.49 2.02 14.99
N GLY B 301 -0.19 1.87 15.27
CA GLY B 301 0.64 3.00 15.64
C GLY B 301 0.74 3.29 17.13
N GLY B 302 -0.09 2.66 17.96
CA GLY B 302 -0.06 2.87 19.39
C GLY B 302 0.49 1.71 20.18
N HIS B 303 -0.06 1.46 21.36
CA HIS B 303 0.33 0.30 22.18
C HIS B 303 -0.85 -0.32 22.91
#